data_2B0S
#
_entry.id   2B0S
#
_cell.length_a   60.471
_cell.length_b   60.471
_cell.length_c   275.194
_cell.angle_alpha   90.00
_cell.angle_beta   90.00
_cell.angle_gamma   90.00
#
_symmetry.space_group_name_H-M   'P 41 21 2'
#
loop_
_entity.id
_entity.type
_entity.pdbx_description
1 polymer 'Fab 2219, light chain'
2 polymer 'Fab 2219, heavy chain'
3 polymer 'MN peptide of Exterior membrane glycoprotein GP120'
4 non-polymer 1,2-ETHANEDIOL
5 non-polymer 'ACETIC ACID'
6 water water
#
loop_
_entity_poly.entity_id
_entity_poly.type
_entity_poly.pdbx_seq_one_letter_code
_entity_poly.pdbx_strand_id
1 'polypeptide(L)'
;QSVLTQPPSASGTPGQRISISCSGTSSNVENNYVYWYQHLPGTAPKLLIYRNDHRSSGIPDRFSASKSGTSASLAISGLR
PEDEGDYYCAAWDDSRGGPDWVFGGGTKLTVLAQPKAAPSVTLFPPSSEELQANKATLVCLISDFYPGAVTVAWKADSSP
VKAGVETTTPSKQSNNKYAASSYLSLTPEQWKSHKSYSCQVTHEGSTVEKTVAPT
;
L
2 'polypeptide(L)'
;EIQLEQSGAEVKKSGESLKISCQTSGYSFSDYWIGWVRQMPGKGLEWMGIFYPGDSDSRYSPSFEGQVTMSADRSTNTAH
LQWSSLKPSDTALYYCARLGGDYEDSGADAFDFWGQGTLVTVSSASTKGPSVFPLAPSSKSTSGGTAALGCLVKDYFPEP
VTVSWNSGALTSGVHTFPAVLQSSGLYSLSSVVTVPSSSLGTQTYICNVNHKPSNTKVDKKVEPKS
;
H
3 'polypeptide(L)' KRKRIHIGPGRAFYTTKNA P
#
# COMPACT_ATOMS: atom_id res chain seq x y z
N GLN A 1 -16.59 10.55 10.95
CA GLN A 1 -15.99 10.65 12.31
C GLN A 1 -14.74 9.80 12.46
N SER A 2 -14.87 8.49 12.23
CA SER A 2 -13.77 7.51 12.42
C SER A 2 -12.73 7.51 11.28
N VAL A 3 -12.19 8.69 10.98
CA VAL A 3 -11.28 8.84 9.86
C VAL A 3 -10.26 9.93 10.15
N LEU A 4 -8.98 9.57 10.19
CA LEU A 4 -7.91 10.54 10.35
C LEU A 4 -7.21 10.69 9.01
N THR A 5 -7.21 11.90 8.48
CA THR A 5 -6.67 12.15 7.16
C THR A 5 -5.28 12.75 7.29
N GLN A 6 -4.31 12.16 6.62
CA GLN A 6 -2.96 12.70 6.53
C GLN A 6 -2.57 12.92 5.06
N PRO A 7 -1.66 13.87 4.80
CA PRO A 7 -1.20 13.98 3.41
C PRO A 7 -0.39 12.76 3.07
N PRO A 8 -0.49 12.29 1.83
CA PRO A 8 0.17 11.04 1.47
C PRO A 8 1.69 11.06 1.63
N SER A 9 2.30 12.21 1.37
CA SER A 9 3.74 12.30 1.17
C SER A 9 4.31 13.53 1.84
N ALA A 10 5.58 13.46 2.22
CA ALA A 10 6.33 14.63 2.72
C ALA A 10 7.82 14.40 2.47
N SER A 11 8.59 15.48 2.46
CA SER A 11 10.02 15.37 2.21
C SER A 11 10.79 16.56 2.68
N GLY A 12 12.06 16.33 2.96
CA GLY A 12 12.99 17.41 3.20
C GLY A 12 14.39 16.87 3.06
N THR A 13 15.37 17.77 2.97
CA THR A 13 16.78 17.39 2.95
C THR A 13 17.31 17.23 4.38
N PRO A 14 18.43 16.48 4.54
CA PRO A 14 19.03 16.32 5.87
C PRO A 14 19.32 17.64 6.56
N GLY A 15 18.94 17.74 7.83
CA GLY A 15 19.14 18.96 8.62
C GLY A 15 17.95 19.90 8.64
N GLN A 16 16.96 19.70 7.76
CA GLN A 16 15.76 20.53 7.74
C GLN A 16 14.70 20.10 8.77
N ARG A 17 13.76 21.00 9.04
CA ARG A 17 12.58 20.69 9.82
C ARG A 17 11.42 20.40 8.87
N ILE A 18 10.64 19.38 9.19
CA ILE A 18 9.44 19.07 8.43
C ILE A 18 8.27 18.90 9.39
N SER A 19 7.07 19.00 8.85
CA SER A 19 5.85 18.88 9.63
C SER A 19 4.89 17.94 8.92
N ILE A 20 4.30 17.01 9.66
CA ILE A 20 3.31 16.07 9.14
C ILE A 20 1.96 16.34 9.79
N SER A 21 0.94 16.61 8.98
CA SER A 21 -0.40 16.98 9.47
C SER A 21 -1.37 15.81 9.55
N CYS A 22 -2.36 15.93 10.43
CA CYS A 22 -3.32 14.90 10.67
C CYS A 22 -4.64 15.59 10.94
N SER A 23 -5.68 15.22 10.21
CA SER A 23 -6.97 15.91 10.33
C SER A 23 -8.04 14.91 10.74
N GLY A 24 -8.74 15.22 11.83
CA GLY A 24 -9.74 14.34 12.39
C GLY A 24 -11.11 14.99 12.59
N THR A 25 -11.86 14.53 13.58
CA THR A 25 -13.21 15.02 13.87
C THR A 25 -13.46 15.21 15.37
N SER A 26 -14.64 15.71 15.68
CA SER A 26 -15.05 15.93 17.06
C SER A 26 -15.10 14.62 17.86
N SER A 27 -15.16 13.48 17.18
CA SER A 27 -15.15 12.16 17.83
C SER A 27 -13.76 11.57 18.07
N ASN A 28 -12.72 12.22 17.58
CA ASN A 28 -11.37 11.69 17.84
C ASN A 28 -10.37 12.79 18.19
N VAL A 29 -9.74 13.43 17.22
CA VAL A 29 -8.59 14.31 17.48
C VAL A 29 -8.92 15.45 18.44
N GLU A 30 -10.14 15.97 18.33
CA GLU A 30 -10.48 17.20 19.01
C GLU A 30 -10.43 17.11 20.54
N ASN A 31 -10.96 16.02 21.10
CA ASN A 31 -11.05 15.87 22.56
C ASN A 31 -10.24 14.67 23.11
N ASN A 32 -10.03 13.66 22.27
CA ASN A 32 -9.37 12.44 22.67
C ASN A 32 -7.87 12.51 22.42
N TYR A 33 -7.17 11.54 23.00
CA TYR A 33 -5.72 11.46 22.93
C TYR A 33 -5.32 11.05 21.56
N VAL A 34 -4.29 11.73 21.07
CA VAL A 34 -3.67 11.48 19.78
C VAL A 34 -2.26 10.95 20.03
N TYR A 35 -1.86 10.03 19.18
CA TYR A 35 -0.58 9.34 19.25
C TYR A 35 0.08 9.40 17.87
N TRP A 36 1.40 9.30 17.87
CA TRP A 36 2.18 9.32 16.65
C TRP A 36 3.12 8.14 16.59
N TYR A 37 3.18 7.52 15.41
CA TYR A 37 4.00 6.33 15.16
C TYR A 37 4.95 6.50 13.98
N GLN A 38 6.12 5.93 14.14
CA GLN A 38 7.10 5.81 13.06
C GLN A 38 7.11 4.38 12.55
N HIS A 39 7.12 4.21 11.24
CA HIS A 39 7.17 2.87 10.68
C HIS A 39 8.26 2.78 9.64
N LEU A 40 9.39 2.16 10.06
CA LEU A 40 10.57 2.03 9.23
C LEU A 40 10.69 0.63 8.62
N PRO A 41 11.35 0.55 7.45
CA PRO A 41 11.60 -0.72 6.78
C PRO A 41 12.18 -1.79 7.66
N GLY A 42 11.52 -2.94 7.69
CA GLY A 42 12.02 -4.08 8.41
C GLY A 42 11.67 -4.13 9.88
N THR A 43 10.87 -3.18 10.37
CA THR A 43 10.64 -3.08 11.80
C THR A 43 9.19 -2.69 12.13
N ALA A 44 8.77 -2.96 13.36
CA ALA A 44 7.40 -2.71 13.75
C ALA A 44 7.16 -1.23 13.97
N PRO A 45 5.89 -0.81 13.89
CA PRO A 45 5.56 0.56 14.28
C PRO A 45 6.11 0.91 15.65
N LYS A 46 6.62 2.15 15.74
CA LYS A 46 7.30 2.65 16.92
C LYS A 46 6.61 3.93 17.41
N LEU A 47 6.18 3.87 18.68
CA LEU A 47 5.55 4.99 19.37
C LEU A 47 6.54 6.15 19.60
N LEU A 48 6.20 7.32 19.04
CA LEU A 48 7.00 8.55 19.19
C LEU A 48 6.43 9.47 20.26
N ILE A 49 5.12 9.68 20.13
CA ILE A 49 4.39 10.68 20.86
C ILE A 49 3.15 10.02 21.39
N TYR A 50 2.83 10.33 22.64
CA TYR A 50 1.58 9.85 23.24
C TYR A 50 0.77 11.01 23.83
N ARG A 51 -0.55 10.81 23.91
CA ARG A 51 -1.49 11.78 24.52
C ARG A 51 -1.27 13.19 24.05
N ASN A 52 -1.35 13.37 22.75
CA ASN A 52 -1.23 14.66 22.06
C ASN A 52 0.20 15.16 21.83
N ASP A 53 1.00 15.26 22.89
CA ASP A 53 2.29 15.94 22.79
C ASP A 53 3.41 15.51 23.73
N HIS A 54 3.30 14.33 24.34
CA HIS A 54 4.42 13.85 25.18
C HIS A 54 5.28 12.92 24.34
N ARG A 55 6.58 13.14 24.40
CA ARG A 55 7.57 12.22 23.83
C ARG A 55 7.67 10.94 24.59
N SER A 56 7.60 9.84 23.86
CA SER A 56 7.79 8.54 24.45
C SER A 56 9.21 8.49 24.91
N SER A 57 9.50 7.79 26.02
CA SER A 57 10.86 7.72 26.54
C SER A 57 11.81 7.22 25.46
N GLY A 58 13.00 7.81 25.41
CA GLY A 58 14.01 7.44 24.43
C GLY A 58 13.85 8.14 23.08
N ILE A 59 12.74 8.83 22.89
CA ILE A 59 12.52 9.56 21.64
C ILE A 59 13.32 10.86 21.76
N PRO A 60 14.10 11.19 20.71
CA PRO A 60 14.90 12.42 20.74
C PRO A 60 14.04 13.69 20.77
N ASP A 61 14.57 14.76 21.37
CA ASP A 61 13.91 16.08 21.47
C ASP A 61 13.49 16.68 20.12
N ARG A 62 14.14 16.26 19.04
CA ARG A 62 13.82 16.81 17.73
C ARG A 62 12.50 16.27 17.17
N PHE A 63 11.88 15.32 17.87
CA PHE A 63 10.51 14.93 17.59
C PHE A 63 9.56 15.68 18.53
N SER A 64 8.55 16.34 17.98
CA SER A 64 7.52 16.96 18.79
C SER A 64 6.15 16.97 18.07
N ALA A 65 5.09 17.16 18.83
CA ALA A 65 3.75 17.18 18.29
C ALA A 65 2.85 18.09 19.11
N SER A 66 1.74 18.50 18.47
CA SER A 66 0.76 19.37 19.08
C SER A 66 -0.55 19.15 18.36
N LYS A 67 -1.61 19.80 18.83
CA LYS A 67 -2.89 19.76 18.12
C LYS A 67 -3.68 21.01 18.46
N SER A 68 -4.46 21.47 17.51
CA SER A 68 -5.39 22.57 17.69
C SER A 68 -6.68 22.15 17.00
N GLY A 69 -7.82 22.26 17.68
CA GLY A 69 -9.11 21.86 17.06
C GLY A 69 -9.13 20.39 16.63
N THR A 70 -9.56 20.14 15.38
CA THR A 70 -9.60 18.79 14.82
C THR A 70 -8.29 18.39 14.12
N SER A 71 -7.28 19.26 14.16
CA SER A 71 -6.00 18.99 13.51
C SER A 71 -4.91 18.71 14.53
N ALA A 72 -4.09 17.71 14.23
CA ALA A 72 -2.87 17.48 14.97
C ALA A 72 -1.70 17.47 13.99
N SER A 73 -0.49 17.58 14.53
CA SER A 73 0.68 17.63 13.69
C SER A 73 1.96 17.24 14.41
N LEU A 74 2.86 16.61 13.64
CA LEU A 74 4.11 16.07 14.13
C LEU A 74 5.22 16.84 13.48
N ALA A 75 6.16 17.37 14.26
CA ALA A 75 7.32 18.06 13.68
C ALA A 75 8.61 17.29 13.94
N ILE A 76 9.43 17.17 12.90
CA ILE A 76 10.76 16.58 13.04
C ILE A 76 11.81 17.58 12.57
N SER A 77 12.62 18.06 13.51
CA SER A 77 13.75 18.95 13.16
C SER A 77 15.03 18.13 13.04
N GLY A 78 16.03 18.68 12.35
CA GLY A 78 17.30 18.00 12.20
C GLY A 78 17.08 16.71 11.43
N LEU A 79 16.23 16.79 10.41
CA LEU A 79 15.92 15.63 9.57
C LEU A 79 17.19 14.87 9.21
N ARG A 80 17.16 13.55 9.42
CA ARG A 80 18.29 12.68 9.13
C ARG A 80 17.82 11.54 8.26
N PRO A 81 18.71 11.00 7.40
CA PRO A 81 18.34 9.94 6.44
C PRO A 81 17.56 8.76 7.06
N GLU A 82 17.85 8.45 8.32
CA GLU A 82 17.27 7.28 8.98
C GLU A 82 15.86 7.58 9.45
N ASP A 83 15.45 8.85 9.36
CA ASP A 83 14.05 9.22 9.58
C ASP A 83 13.14 8.82 8.43
N GLU A 84 13.72 8.38 7.31
CA GLU A 84 12.92 8.08 6.13
C GLU A 84 12.00 6.86 6.34
N GLY A 85 10.73 7.02 6.01
CA GLY A 85 9.75 5.96 6.24
C GLY A 85 8.35 6.51 6.42
N ASP A 86 7.48 5.71 7.03
CA ASP A 86 6.05 6.07 7.20
C ASP A 86 5.72 6.58 8.63
N TYR A 87 5.00 7.69 8.72
CA TYR A 87 4.55 8.23 10.00
C TYR A 87 3.01 8.24 10.04
N TYR A 88 2.44 7.73 11.13
CA TYR A 88 1.01 7.65 11.33
C TYR A 88 0.59 8.38 12.58
N CYS A 89 -0.44 9.21 12.47
CA CYS A 89 -1.19 9.60 13.64
C CYS A 89 -2.23 8.51 13.94
N ALA A 90 -2.72 8.57 15.18
CA ALA A 90 -3.74 7.67 15.67
C ALA A 90 -4.49 8.35 16.82
N ALA A 91 -5.74 7.95 17.02
CA ALA A 91 -6.55 8.53 18.08
C ALA A 91 -7.61 7.54 18.57
N TRP A 92 -8.07 7.79 19.79
CA TRP A 92 -9.28 7.17 20.28
C TRP A 92 -10.52 7.83 19.70
N ASP A 93 -11.38 7.00 19.12
CA ASP A 93 -12.63 7.47 18.55
C ASP A 93 -13.78 6.92 19.36
N ASP A 94 -14.71 7.80 19.70
CA ASP A 94 -15.84 7.47 20.56
C ASP A 94 -17.21 7.53 19.85
N SER A 95 -17.22 7.46 18.52
CA SER A 95 -18.50 7.44 17.78
C SER A 95 -19.48 6.33 18.16
N ARG A 96 -18.96 5.19 18.64
CA ARG A 96 -19.80 4.04 19.00
C ARG A 96 -20.08 3.99 20.50
N GLY A 97 -19.56 4.96 21.26
CA GLY A 97 -19.76 5.00 22.70
C GLY A 97 -18.80 4.07 23.41
N GLY A 98 -17.69 3.81 22.77
CA GLY A 98 -16.62 2.97 23.33
C GLY A 98 -15.28 3.33 22.73
N PRO A 99 -14.22 2.64 23.18
CA PRO A 99 -12.88 2.95 22.73
C PRO A 99 -12.48 2.23 21.45
N ASP A 100 -12.63 2.90 20.31
CA ASP A 100 -12.07 2.43 19.07
C ASP A 100 -10.80 3.24 18.76
N TRP A 101 -9.78 2.51 18.31
CA TRP A 101 -8.53 3.05 17.89
C TRP A 101 -8.58 3.23 16.40
N VAL A 102 -8.19 4.41 15.92
CA VAL A 102 -8.09 4.68 14.49
C VAL A 102 -6.69 5.14 14.12
N PHE A 103 -6.13 4.56 13.05
CA PHE A 103 -4.90 5.08 12.43
C PHE A 103 -5.26 6.02 11.25
N GLY A 104 -4.47 7.08 11.08
CA GLY A 104 -4.55 7.91 9.88
C GLY A 104 -3.99 7.12 8.71
N GLY A 105 -4.22 7.58 7.49
CA GLY A 105 -3.75 6.86 6.32
C GLY A 105 -2.25 6.81 6.21
N GLY A 106 -1.57 7.66 6.96
CA GLY A 106 -0.11 7.65 7.05
C GLY A 106 0.48 8.59 6.03
N THR A 107 1.71 9.05 6.29
CA THR A 107 2.46 9.90 5.38
C THR A 107 3.85 9.29 5.09
N LYS A 108 4.19 9.16 3.81
CA LYS A 108 5.53 8.68 3.44
C LYS A 108 6.52 9.87 3.49
N LEU A 109 7.50 9.80 4.40
CA LEU A 109 8.53 10.82 4.51
C LEU A 109 9.78 10.39 3.78
N THR A 110 10.17 11.17 2.79
CA THR A 110 11.39 10.92 2.03
C THR A 110 12.43 11.95 2.48
N VAL A 111 13.62 11.47 2.84
CA VAL A 111 14.74 12.32 3.13
C VAL A 111 15.49 12.44 1.81
N LEU A 112 15.48 13.65 1.24
CA LEU A 112 15.89 13.88 -0.14
C LEU A 112 17.39 13.66 -0.32
N ALA A 113 17.73 12.66 -1.14
CA ALA A 113 19.10 12.25 -1.46
C ALA A 113 19.45 12.53 -2.92
N GLN A 114 18.47 13.03 -3.68
CA GLN A 114 18.69 13.42 -5.06
C GLN A 114 17.60 14.42 -5.43
N PRO A 115 17.80 15.17 -6.53
CA PRO A 115 16.77 16.14 -6.91
C PRO A 115 15.43 15.50 -7.15
N LYS A 116 14.37 16.27 -6.95
CA LYS A 116 13.02 15.82 -7.23
C LYS A 116 12.92 15.57 -8.73
N ALA A 117 12.19 14.53 -9.09
CA ALA A 117 11.99 14.19 -10.50
C ALA A 117 10.51 13.94 -10.78
N ALA A 118 9.94 14.71 -11.69
CA ALA A 118 8.56 14.49 -12.07
C ALA A 118 8.41 13.17 -12.86
N PRO A 119 7.25 12.51 -12.76
CA PRO A 119 7.06 11.24 -13.42
C PRO A 119 6.90 11.34 -14.93
N SER A 120 7.45 10.34 -15.63
CA SER A 120 7.17 10.17 -17.05
C SER A 120 5.95 9.26 -17.15
N VAL A 121 4.96 9.68 -17.93
CA VAL A 121 3.72 8.95 -18.09
C VAL A 121 3.50 8.55 -19.56
N THR A 122 3.34 7.25 -19.78
CA THR A 122 2.98 6.69 -21.08
C THR A 122 1.65 5.94 -20.95
N LEU A 123 0.70 6.25 -21.82
CA LEU A 123 -0.64 5.66 -21.76
C LEU A 123 -0.95 4.97 -23.07
N PHE A 124 -1.24 3.67 -22.98
CA PHE A 124 -1.60 2.87 -24.14
C PHE A 124 -3.06 2.48 -24.05
N PRO A 125 -3.79 2.63 -25.18
CA PRO A 125 -5.15 2.20 -25.30
C PRO A 125 -5.23 0.67 -25.49
N PRO A 126 -6.45 0.10 -25.54
CA PRO A 126 -6.56 -1.33 -25.88
C PRO A 126 -5.97 -1.63 -27.26
N SER A 127 -5.25 -2.74 -27.40
CA SER A 127 -4.76 -3.18 -28.72
C SER A 127 -5.94 -3.68 -29.51
N SER A 128 -5.80 -3.78 -30.83
CA SER A 128 -6.89 -4.34 -31.62
C SER A 128 -6.97 -5.85 -31.46
N GLU A 129 -5.88 -6.51 -31.10
CA GLU A 129 -5.90 -7.96 -30.87
C GLU A 129 -6.78 -8.26 -29.65
N GLU A 130 -6.63 -7.45 -28.58
CA GLU A 130 -7.40 -7.64 -27.35
C GLU A 130 -8.87 -7.33 -27.57
N LEU A 131 -9.14 -6.28 -28.34
CA LEU A 131 -10.51 -5.88 -28.60
C LEU A 131 -11.21 -6.95 -29.43
N GLN A 132 -10.48 -7.54 -30.37
CA GLN A 132 -10.99 -8.69 -31.13
C GLN A 132 -11.25 -9.89 -30.22
N ALA A 133 -10.46 -10.01 -29.13
CA ALA A 133 -10.72 -11.02 -28.10
C ALA A 133 -11.77 -10.59 -27.05
N ASN A 134 -12.45 -9.47 -27.32
CA ASN A 134 -13.58 -8.99 -26.52
C ASN A 134 -13.23 -8.46 -25.11
N LYS A 135 -11.98 -8.01 -24.96
CA LYS A 135 -11.51 -7.38 -23.72
C LYS A 135 -10.91 -6.02 -24.05
N ALA A 136 -10.69 -5.20 -23.04
CA ALA A 136 -10.07 -3.90 -23.27
C ALA A 136 -9.28 -3.45 -22.06
N THR A 137 -8.00 -3.13 -22.26
CA THR A 137 -7.14 -2.77 -21.14
C THR A 137 -6.35 -1.50 -21.44
N LEU A 138 -6.58 -0.47 -20.63
CA LEU A 138 -5.76 0.73 -20.67
C LEU A 138 -4.54 0.56 -19.75
N VAL A 139 -3.38 0.91 -20.26
CA VAL A 139 -2.13 0.67 -19.58
C VAL A 139 -1.40 2.01 -19.38
N CYS A 140 -1.21 2.35 -18.12
CA CYS A 140 -0.59 3.59 -17.75
C CYS A 140 0.70 3.29 -16.99
N LEU A 141 1.84 3.61 -17.64
CA LEU A 141 3.17 3.37 -17.13
C LEU A 141 3.80 4.67 -16.66
N ILE A 142 4.21 4.65 -15.40
CA ILE A 142 4.73 5.80 -14.67
C ILE A 142 6.17 5.49 -14.21
N SER A 143 7.13 6.33 -14.58
CA SER A 143 8.53 6.08 -14.27
C SER A 143 9.33 7.33 -14.00
N ASP A 144 10.55 7.09 -13.51
CA ASP A 144 11.53 8.12 -13.22
C ASP A 144 11.01 9.22 -12.30
N PHE A 145 10.26 8.83 -11.27
CA PHE A 145 9.83 9.81 -10.27
C PHE A 145 10.53 9.64 -8.91
N TYR A 146 10.89 10.78 -8.31
CA TYR A 146 11.45 10.84 -6.95
C TYR A 146 10.97 12.15 -6.29
N PRO A 147 10.44 12.07 -5.05
CA PRO A 147 10.24 10.91 -4.17
C PRO A 147 9.31 9.84 -4.74
N GLY A 148 9.39 8.66 -4.18
CA GLY A 148 8.75 7.47 -4.75
C GLY A 148 7.31 7.22 -4.39
N ALA A 149 6.44 8.20 -4.60
CA ALA A 149 4.99 8.00 -4.40
C ALA A 149 4.20 8.90 -5.34
N VAL A 150 3.20 8.29 -5.99
CA VAL A 150 2.24 8.99 -6.82
C VAL A 150 0.85 8.55 -6.44
N THR A 151 -0.13 9.35 -6.85
CA THR A 151 -1.53 8.95 -6.80
C THR A 151 -2.03 8.95 -8.25
N VAL A 152 -2.76 7.89 -8.61
CA VAL A 152 -3.26 7.66 -9.95
C VAL A 152 -4.78 7.72 -9.90
N ALA A 153 -5.38 8.46 -10.83
CA ALA A 153 -6.84 8.50 -10.97
C ALA A 153 -7.19 8.37 -12.44
N TRP A 154 -8.25 7.61 -12.74
CA TRP A 154 -8.71 7.49 -14.10
C TRP A 154 -10.03 8.25 -14.27
N LYS A 155 -10.19 8.82 -15.46
CA LYS A 155 -11.39 9.54 -15.83
C LYS A 155 -11.95 8.94 -17.11
N ALA A 156 -13.28 8.83 -17.15
CA ALA A 156 -14.03 8.45 -18.36
C ALA A 156 -14.69 9.71 -18.88
N ASP A 157 -14.21 10.19 -20.02
CA ASP A 157 -14.42 11.59 -20.42
C ASP A 157 -13.90 12.47 -19.28
N SER A 158 -14.75 13.31 -18.70
CA SER A 158 -14.32 14.11 -17.54
C SER A 158 -14.67 13.45 -16.19
N SER A 159 -15.38 12.32 -16.25
CA SER A 159 -15.97 11.68 -15.08
C SER A 159 -15.05 10.66 -14.40
N PRO A 160 -15.00 10.64 -13.06
CA PRO A 160 -14.17 9.65 -12.37
C PRO A 160 -14.61 8.19 -12.50
N VAL A 161 -13.63 7.30 -12.47
CA VAL A 161 -13.78 5.87 -12.61
C VAL A 161 -13.22 5.17 -11.36
N LYS A 162 -14.08 4.48 -10.62
CA LYS A 162 -13.65 3.59 -9.52
C LYS A 162 -13.34 2.22 -10.10
N ALA A 163 -14.39 1.60 -10.67
CA ALA A 163 -14.36 0.23 -11.15
C ALA A 163 -13.27 -0.06 -12.16
N GLY A 164 -12.69 -1.26 -12.06
CA GLY A 164 -11.75 -1.76 -13.05
C GLY A 164 -10.29 -1.31 -12.93
N VAL A 165 -9.97 -0.54 -11.90
CA VAL A 165 -8.63 -0.01 -11.72
C VAL A 165 -7.73 -0.90 -10.84
N GLU A 166 -6.55 -1.21 -11.36
CA GLU A 166 -5.55 -2.00 -10.64
C GLU A 166 -4.26 -1.20 -10.71
N THR A 167 -3.70 -0.86 -9.54
CA THR A 167 -2.46 -0.06 -9.50
C THR A 167 -1.37 -0.75 -8.68
N THR A 168 -0.12 -0.72 -9.18
CA THR A 168 1.01 -1.26 -8.39
C THR A 168 1.54 -0.27 -7.35
N THR A 169 2.25 -0.82 -6.35
CA THR A 169 3.11 -0.02 -5.49
C THR A 169 4.27 0.53 -6.32
N PRO A 170 4.87 1.65 -5.86
CA PRO A 170 6.08 2.08 -6.54
C PRO A 170 7.24 1.12 -6.24
N SER A 171 8.12 0.93 -7.20
CA SER A 171 9.31 0.11 -7.00
C SER A 171 10.54 0.85 -7.49
N LYS A 172 11.65 0.60 -6.83
CA LYS A 172 12.91 1.29 -7.11
C LYS A 172 13.51 0.86 -8.43
N GLN A 173 13.77 1.84 -9.29
CA GLN A 173 14.55 1.63 -10.52
C GLN A 173 16.05 1.59 -10.23
N SER A 174 16.85 1.18 -11.21
CA SER A 174 18.30 1.11 -11.00
C SER A 174 18.95 2.50 -10.87
N ASN A 175 18.23 3.55 -11.28
CA ASN A 175 18.71 4.92 -11.08
C ASN A 175 18.31 5.53 -9.73
N ASN A 176 17.59 4.74 -8.92
CA ASN A 176 17.12 5.15 -7.59
C ASN A 176 15.90 6.07 -7.61
N LYS A 177 15.33 6.30 -8.78
CA LYS A 177 14.00 6.84 -8.91
C LYS A 177 13.02 5.68 -8.93
N TYR A 178 11.74 5.99 -9.05
CA TYR A 178 10.68 5.01 -8.88
C TYR A 178 9.75 4.83 -10.07
N ALA A 179 9.13 3.66 -10.08
CA ALA A 179 8.27 3.24 -11.15
C ALA A 179 7.01 2.60 -10.59
N ALA A 180 5.95 2.74 -11.37
CA ALA A 180 4.66 2.14 -11.05
C ALA A 180 3.82 2.02 -12.30
N SER A 181 2.82 1.16 -12.22
CA SER A 181 1.86 1.09 -13.32
C SER A 181 0.43 0.93 -12.82
N SER A 182 -0.50 1.49 -13.60
CA SER A 182 -1.93 1.38 -13.32
C SER A 182 -2.62 0.87 -14.58
N TYR A 183 -3.66 0.07 -14.34
CA TYR A 183 -4.41 -0.61 -15.38
C TYR A 183 -5.91 -0.30 -15.24
N LEU A 184 -6.56 -0.08 -16.38
CA LEU A 184 -7.99 0.09 -16.40
C LEU A 184 -8.63 -0.93 -17.34
N SER A 185 -9.36 -1.87 -16.73
CA SER A 185 -10.14 -2.88 -17.45
C SER A 185 -11.54 -2.37 -17.76
N LEU A 186 -11.91 -2.50 -19.04
CA LEU A 186 -13.23 -2.12 -19.55
C LEU A 186 -13.71 -3.21 -20.46
N THR A 187 -15.00 -3.15 -20.81
CA THR A 187 -15.50 -3.89 -21.95
C THR A 187 -15.15 -3.06 -23.18
N PRO A 188 -15.16 -3.69 -24.37
CA PRO A 188 -15.01 -2.95 -25.64
C PRO A 188 -16.11 -1.90 -25.83
N GLU A 189 -17.28 -2.18 -25.27
CA GLU A 189 -18.44 -1.33 -25.39
C GLU A 189 -18.28 -0.03 -24.59
N GLN A 190 -17.72 -0.14 -23.39
CA GLN A 190 -17.44 1.04 -22.57
C GLN A 190 -16.38 1.89 -23.24
N TRP A 191 -15.31 1.23 -23.68
CA TRP A 191 -14.20 1.88 -24.37
C TRP A 191 -14.67 2.69 -25.58
N LYS A 192 -15.55 2.08 -26.38
CA LYS A 192 -16.10 2.75 -27.56
C LYS A 192 -17.14 3.84 -27.28
N SER A 193 -17.78 3.77 -26.11
CA SER A 193 -18.92 4.66 -25.79
C SER A 193 -18.48 6.04 -25.36
N HIS A 194 -17.24 6.17 -24.87
CA HIS A 194 -16.78 7.47 -24.40
C HIS A 194 -15.93 8.16 -25.45
N LYS A 195 -15.78 9.48 -25.30
CA LYS A 195 -14.92 10.28 -26.18
C LYS A 195 -13.43 10.06 -25.86
N SER A 196 -13.12 9.88 -24.58
CA SER A 196 -11.75 9.64 -24.17
C SER A 196 -11.67 9.06 -22.76
N TYR A 197 -10.51 8.51 -22.47
CA TYR A 197 -10.16 8.05 -21.13
C TYR A 197 -8.79 8.65 -20.77
N SER A 198 -8.63 9.03 -19.50
CA SER A 198 -7.43 9.72 -19.05
C SER A 198 -6.78 9.02 -17.85
N CYS A 199 -5.46 9.01 -17.84
CA CYS A 199 -4.70 8.61 -16.66
C CYS A 199 -4.09 9.87 -16.02
N GLN A 200 -4.59 10.21 -14.83
CA GLN A 200 -4.06 11.34 -14.06
C GLN A 200 -3.15 10.86 -12.93
N VAL A 201 -1.93 11.40 -12.92
CA VAL A 201 -0.92 11.06 -11.92
C VAL A 201 -0.57 12.32 -11.12
N THR A 202 -0.74 12.23 -9.80
CA THR A 202 -0.34 13.29 -8.89
C THR A 202 0.96 12.87 -8.19
N HIS A 203 1.96 13.76 -8.24
CA HIS A 203 3.26 13.60 -7.60
C HIS A 203 3.67 14.93 -6.98
N GLU A 204 3.98 14.94 -5.68
CA GLU A 204 4.41 16.15 -5.00
C GLU A 204 3.47 17.34 -5.28
N GLY A 205 2.15 17.10 -5.14
CA GLY A 205 1.14 18.13 -5.27
C GLY A 205 0.98 18.67 -6.68
N SER A 206 1.57 17.97 -7.65
CA SER A 206 1.54 18.40 -9.02
C SER A 206 0.92 17.29 -9.89
N THR A 207 -0.11 17.65 -10.64
CA THR A 207 -0.95 16.68 -11.34
C THR A 207 -0.83 16.82 -12.84
N VAL A 208 -0.58 15.68 -13.50
CA VAL A 208 -0.55 15.63 -14.95
C VAL A 208 -1.48 14.54 -15.46
N GLU A 209 -1.60 14.44 -16.78
CA GLU A 209 -2.43 13.39 -17.35
C GLU A 209 -2.07 13.05 -18.79
N LYS A 210 -2.49 11.87 -19.17
CA LYS A 210 -2.46 11.45 -20.55
C LYS A 210 -3.83 10.93 -20.89
N THR A 211 -4.19 11.13 -22.14
CA THR A 211 -5.53 10.85 -22.63
C THR A 211 -5.43 10.08 -23.92
N VAL A 212 -6.32 9.12 -24.09
CA VAL A 212 -6.44 8.32 -25.31
C VAL A 212 -7.90 8.30 -25.78
N ALA A 213 -8.11 8.18 -27.08
CA ALA A 213 -9.45 8.16 -27.66
C ALA A 213 -9.64 6.96 -28.59
N PRO A 214 -10.85 6.36 -28.61
CA PRO A 214 -11.05 5.31 -29.62
C PRO A 214 -10.96 5.88 -31.04
N THR A 215 -11.21 7.18 -31.18
CA THR A 215 -11.11 7.91 -32.44
C THR A 215 -9.97 8.92 -32.38
N GLU B 1 12.21 -7.30 30.53
CA GLU B 1 12.17 -6.56 29.23
C GLU B 1 11.00 -7.09 28.40
N ILE B 2 10.16 -6.19 27.90
CA ILE B 2 8.90 -6.62 27.30
C ILE B 2 9.11 -6.91 25.82
N GLN B 3 8.64 -8.08 25.39
CA GLN B 3 8.66 -8.47 23.99
C GLN B 3 7.40 -9.23 23.62
N LEU B 4 6.91 -9.01 22.41
CA LEU B 4 5.88 -9.85 21.85
C LEU B 4 6.51 -10.53 20.68
N GLU B 5 6.36 -11.84 20.61
CA GLU B 5 6.94 -12.59 19.50
C GLU B 5 5.85 -13.29 18.71
N GLN B 6 5.74 -12.93 17.44
CA GLN B 6 4.77 -13.50 16.55
C GLN B 6 5.31 -14.71 15.79
N SER B 7 4.37 -15.52 15.32
CA SER B 7 4.69 -16.74 14.60
C SER B 7 5.13 -16.40 13.16
N GLY B 8 5.65 -17.38 12.45
CA GLY B 8 6.28 -17.11 11.17
C GLY B 8 5.30 -16.95 10.03
N ALA B 9 5.83 -16.45 8.93
CA ALA B 9 5.15 -16.34 7.63
C ALA B 9 4.28 -17.54 7.27
N GLU B 10 3.14 -17.23 6.67
CA GLU B 10 2.20 -18.26 6.19
C GLU B 10 1.86 -18.01 4.72
N VAL B 11 1.96 -19.08 3.93
CA VAL B 11 1.53 -19.14 2.55
C VAL B 11 0.41 -20.21 2.47
N LYS B 12 -0.81 -19.74 2.26
CA LYS B 12 -1.96 -20.63 2.31
C LYS B 12 -2.77 -20.56 1.02
N LYS B 13 -3.49 -21.64 0.78
CA LYS B 13 -4.53 -21.69 -0.24
C LYS B 13 -5.87 -21.31 0.36
N SER B 14 -6.67 -20.62 -0.43
CA SER B 14 -7.96 -20.11 -0.03
C SER B 14 -8.90 -21.22 0.49
N GLY B 15 -9.52 -20.93 1.62
CA GLY B 15 -10.45 -21.84 2.27
C GLY B 15 -9.80 -22.49 3.47
N GLU B 16 -8.46 -22.52 3.48
CA GLU B 16 -7.71 -23.13 4.57
C GLU B 16 -7.84 -22.28 5.83
N SER B 17 -7.82 -22.97 6.97
CA SER B 17 -7.87 -22.32 8.29
C SER B 17 -6.44 -21.95 8.72
N LEU B 18 -6.35 -20.94 9.56
CA LEU B 18 -5.08 -20.48 10.08
C LEU B 18 -5.28 -19.72 11.41
N LYS B 19 -4.47 -20.10 12.40
CA LYS B 19 -4.34 -19.39 13.61
C LYS B 19 -2.89 -18.91 13.68
N ILE B 20 -2.70 -17.59 13.70
CA ILE B 20 -1.38 -17.02 13.95
C ILE B 20 -1.29 -16.58 15.43
N SER B 21 -0.06 -16.47 15.91
CA SER B 21 0.19 -16.33 17.36
C SER B 21 1.09 -15.16 17.70
N CYS B 22 0.88 -14.63 18.89
CA CYS B 22 1.74 -13.60 19.50
C CYS B 22 2.00 -14.00 20.95
N GLN B 23 3.23 -14.41 21.25
CA GLN B 23 3.59 -14.81 22.61
C GLN B 23 4.28 -13.66 23.32
N THR B 24 3.86 -13.36 24.55
CA THR B 24 4.32 -12.19 25.25
C THR B 24 5.25 -12.54 26.38
N SER B 25 6.16 -11.61 26.63
CA SER B 25 7.25 -11.73 27.58
C SER B 25 7.35 -10.47 28.41
N GLY B 26 7.59 -10.61 29.69
CA GLY B 26 8.05 -9.49 30.51
C GLY B 26 7.00 -8.70 31.27
N TYR B 27 5.78 -9.23 31.33
CA TYR B 27 4.71 -8.62 32.13
C TYR B 27 3.57 -9.63 32.32
N SER B 28 2.63 -9.28 33.18
CA SER B 28 1.48 -10.16 33.43
C SER B 28 0.55 -10.17 32.22
N PHE B 29 0.61 -11.27 31.47
CA PHE B 29 -0.22 -11.47 30.27
C PHE B 29 -1.72 -11.18 30.49
N SER B 30 -2.28 -11.64 31.59
CA SER B 30 -3.71 -11.44 31.85
C SER B 30 -4.15 -9.98 31.96
N ASP B 31 -3.24 -9.10 32.36
CA ASP B 31 -3.63 -7.79 32.87
C ASP B 31 -3.78 -6.70 31.80
N TYR B 32 -3.33 -6.97 30.58
CA TYR B 32 -3.33 -5.95 29.51
C TYR B 32 -4.05 -6.41 28.27
N TRP B 33 -4.70 -5.47 27.60
CA TRP B 33 -5.23 -5.74 26.26
C TRP B 33 -4.12 -5.94 25.23
N ILE B 34 -4.44 -6.79 24.27
CA ILE B 34 -3.62 -7.05 23.12
C ILE B 34 -4.45 -6.54 21.94
N GLY B 35 -3.80 -5.80 21.06
CA GLY B 35 -4.41 -5.29 19.85
C GLY B 35 -3.87 -5.97 18.62
N TRP B 36 -4.71 -5.98 17.57
CA TRP B 36 -4.33 -6.52 16.27
C TRP B 36 -4.51 -5.47 15.17
N VAL B 37 -3.56 -5.50 14.24
CA VAL B 37 -3.39 -4.47 13.26
C VAL B 37 -3.05 -5.13 11.94
N ARG B 38 -3.79 -4.77 10.90
CA ARG B 38 -3.56 -5.29 9.58
C ARG B 38 -2.94 -4.21 8.67
N GLN B 39 -2.04 -4.63 7.80
CA GLN B 39 -1.51 -3.77 6.77
C GLN B 39 -1.59 -4.49 5.42
N MET B 40 -2.50 -4.05 4.54
CA MET B 40 -2.66 -4.65 3.20
C MET B 40 -1.53 -4.17 2.33
N PRO B 41 -1.14 -4.98 1.32
CA PRO B 41 -0.01 -4.64 0.45
C PRO B 41 -0.21 -3.28 -0.21
N GLY B 42 0.77 -2.39 -0.06
CA GLY B 42 0.63 -1.02 -0.57
C GLY B 42 -0.30 -0.09 0.22
N LYS B 43 -0.80 -0.51 1.38
CA LYS B 43 -1.70 0.34 2.17
C LYS B 43 -1.15 0.65 3.58
N GLY B 44 -1.92 1.42 4.33
CA GLY B 44 -1.61 1.84 5.67
C GLY B 44 -2.03 0.85 6.72
N LEU B 45 -1.53 1.06 7.93
CA LEU B 45 -1.95 0.31 9.11
C LEU B 45 -3.46 0.49 9.40
N GLU B 46 -4.11 -0.61 9.75
CA GLU B 46 -5.52 -0.60 10.08
C GLU B 46 -5.79 -1.44 11.33
N TRP B 47 -6.53 -0.85 12.27
CA TRP B 47 -6.91 -1.54 13.51
C TRP B 47 -8.02 -2.59 13.28
N MET B 48 -7.80 -3.78 13.80
CA MET B 48 -8.76 -4.89 13.73
C MET B 48 -9.62 -4.99 14.98
N GLY B 49 -8.97 -4.95 16.14
CA GLY B 49 -9.67 -5.07 17.40
C GLY B 49 -8.69 -5.17 18.55
N ILE B 50 -9.23 -5.41 19.76
CA ILE B 50 -8.46 -5.70 20.95
C ILE B 50 -9.10 -6.86 21.70
N PHE B 51 -8.26 -7.57 22.45
CA PHE B 51 -8.66 -8.74 23.24
C PHE B 51 -8.06 -8.61 24.62
N TYR B 52 -8.84 -8.91 25.66
CA TYR B 52 -8.37 -8.92 27.05
C TYR B 52 -8.25 -10.33 27.56
N PRO B 53 -7.02 -10.85 27.65
CA PRO B 53 -6.82 -12.22 28.06
C PRO B 53 -7.33 -12.57 29.45
N GLY B 54 -7.34 -11.61 30.38
CA GLY B 54 -7.79 -11.85 31.72
C GLY B 54 -9.19 -12.44 31.79
N ASP B 55 -10.12 -11.89 31.00
CA ASP B 55 -11.49 -12.35 31.05
C ASP B 55 -12.10 -12.56 29.66
N SER B 56 -11.26 -12.63 28.61
CA SER B 56 -11.73 -12.84 27.23
C SER B 56 -12.62 -11.73 26.64
N ASP B 57 -12.65 -10.56 27.25
CA ASP B 57 -13.43 -9.46 26.69
C ASP B 57 -12.82 -9.11 25.36
N SER B 58 -13.57 -8.43 24.50
CA SER B 58 -13.09 -8.09 23.16
C SER B 58 -13.81 -6.87 22.63
N ARG B 59 -13.10 -6.17 21.73
CA ARG B 59 -13.73 -5.16 20.90
C ARG B 59 -13.18 -5.36 19.49
N TYR B 60 -14.11 -5.48 18.54
CA TYR B 60 -13.78 -5.61 17.12
C TYR B 60 -14.11 -4.29 16.38
N SER B 61 -13.20 -3.82 15.53
CA SER B 61 -13.58 -2.80 14.53
C SER B 61 -14.80 -3.32 13.70
N PRO B 62 -15.74 -2.42 13.31
CA PRO B 62 -16.91 -2.83 12.55
C PRO B 62 -16.60 -3.70 11.34
N SER B 63 -15.51 -3.43 10.66
CA SER B 63 -15.16 -4.16 9.41
C SER B 63 -14.65 -5.58 9.71
N PHE B 64 -14.15 -5.79 10.93
CA PHE B 64 -13.62 -7.10 11.30
C PHE B 64 -14.61 -8.01 12.07
N GLU B 65 -15.68 -7.43 12.57
CA GLU B 65 -16.71 -8.18 13.25
C GLU B 65 -17.16 -9.34 12.36
N GLY B 66 -17.04 -10.57 12.86
CA GLY B 66 -17.45 -11.75 12.10
C GLY B 66 -16.45 -12.28 11.07
N GLN B 67 -15.41 -11.52 10.78
CA GLN B 67 -14.46 -11.92 9.75
C GLN B 67 -13.29 -12.67 10.32
N VAL B 68 -13.10 -12.58 11.63
CA VAL B 68 -11.88 -13.10 12.29
C VAL B 68 -12.16 -13.23 13.77
N THR B 69 -11.37 -14.08 14.44
CA THR B 69 -11.60 -14.41 15.84
C THR B 69 -10.30 -14.18 16.65
N MET B 70 -10.34 -13.23 17.57
CA MET B 70 -9.27 -13.02 18.53
C MET B 70 -9.47 -13.96 19.70
N SER B 71 -8.40 -14.60 20.13
CA SER B 71 -8.44 -15.43 21.33
C SER B 71 -7.11 -15.35 22.06
N ALA B 72 -7.02 -16.09 23.17
CA ALA B 72 -5.77 -16.24 23.87
C ALA B 72 -5.79 -17.54 24.67
N ASP B 73 -4.64 -18.14 24.97
CA ASP B 73 -4.59 -18.94 26.18
C ASP B 73 -3.58 -18.48 27.15
N ARG B 74 -4.16 -18.28 28.33
CA ARG B 74 -3.45 -17.91 29.48
C ARG B 74 -2.52 -19.03 29.95
N SER B 75 -2.62 -20.26 29.44
CA SER B 75 -1.68 -21.29 29.86
C SER B 75 -0.30 -21.13 29.19
N THR B 76 -0.24 -20.34 28.11
CA THR B 76 1.00 -20.14 27.35
C THR B 76 1.37 -18.68 27.10
N ASN B 77 0.55 -17.74 27.58
CA ASN B 77 0.79 -16.30 27.37
C ASN B 77 0.80 -15.94 25.87
N THR B 78 -0.09 -16.60 25.13
CA THR B 78 -0.18 -16.45 23.68
C THR B 78 -1.58 -15.96 23.29
N ALA B 79 -1.55 -14.83 22.59
CA ALA B 79 -2.69 -14.25 21.88
C ALA B 79 -2.73 -14.78 20.44
N HIS B 80 -3.94 -14.97 19.94
CA HIS B 80 -4.16 -15.54 18.62
C HIS B 80 -5.19 -14.74 17.82
N LEU B 81 -5.04 -14.86 16.50
CA LEU B 81 -5.98 -14.38 15.50
C LEU B 81 -6.26 -15.57 14.57
N GLN B 82 -7.53 -15.95 14.48
CA GLN B 82 -7.96 -17.12 13.71
C GLN B 82 -8.94 -16.82 12.57
N TRP B 83 -8.65 -17.45 11.43
CA TRP B 83 -9.58 -17.55 10.32
C TRP B 83 -9.86 -19.04 10.05
N SER B 84 -11.14 -19.41 10.03
CA SER B 84 -11.50 -20.74 9.60
C SER B 84 -11.42 -20.88 8.08
N SER B 85 -11.67 -19.77 7.36
CA SER B 85 -11.81 -19.80 5.90
C SER B 85 -11.05 -18.63 5.23
N LEU B 86 -9.73 -18.80 5.10
CA LEU B 86 -8.86 -17.76 4.53
C LEU B 86 -9.28 -17.38 3.11
N LYS B 87 -9.35 -16.07 2.88
CA LYS B 87 -9.71 -15.48 1.59
C LYS B 87 -8.46 -14.81 1.05
N PRO B 88 -8.31 -14.72 -0.29
CA PRO B 88 -7.22 -13.92 -0.87
C PRO B 88 -7.08 -12.51 -0.31
N SER B 89 -8.19 -11.87 0.01
CA SER B 89 -8.19 -10.51 0.58
C SER B 89 -7.66 -10.42 2.00
N ASP B 90 -7.39 -11.58 2.63
CA ASP B 90 -6.75 -11.61 3.93
C ASP B 90 -5.22 -11.49 3.81
N THR B 91 -4.73 -11.41 2.58
CA THR B 91 -3.30 -11.40 2.32
C THR B 91 -2.73 -10.11 2.86
N ALA B 92 -1.89 -10.19 3.86
CA ALA B 92 -1.40 -8.97 4.49
C ALA B 92 -0.34 -9.26 5.54
N LEU B 93 0.22 -8.16 6.04
CA LEU B 93 1.02 -8.15 7.25
C LEU B 93 0.14 -7.89 8.48
N TYR B 94 0.28 -8.75 9.47
CA TYR B 94 -0.46 -8.65 10.73
C TYR B 94 0.47 -8.39 11.92
N TYR B 95 0.16 -7.32 12.64
CA TYR B 95 0.87 -7.01 13.88
C TYR B 95 -0.02 -7.24 15.11
N CYS B 96 0.66 -7.70 16.14
CA CYS B 96 0.14 -7.76 17.49
C CYS B 96 0.83 -6.66 18.31
N ALA B 97 0.10 -6.07 19.25
CA ALA B 97 0.66 -5.03 20.10
C ALA B 97 -0.04 -4.99 21.46
N ARG B 98 0.74 -4.75 22.50
CA ARG B 98 0.16 -4.52 23.81
C ARG B 98 -0.40 -3.09 23.94
N LEU B 99 -1.60 -2.96 24.49
CA LEU B 99 -2.15 -1.68 24.86
C LEU B 99 -1.71 -1.37 26.26
N GLY B 100 -0.87 -0.35 26.38
CA GLY B 100 -0.21 -0.02 27.64
C GLY B 100 0.16 1.45 27.77
N GLY B 101 1.44 1.71 28.05
CA GLY B 101 1.93 3.06 28.24
C GLY B 101 2.26 3.26 29.70
N ASP B 102 1.35 2.77 30.57
CA ASP B 102 1.45 2.91 32.02
C ASP B 102 1.64 4.36 32.44
N TYR B 103 0.95 5.27 31.77
CA TYR B 103 1.12 6.71 32.07
C TYR B 103 0.54 7.11 33.41
N GLU B 104 -0.48 6.40 33.87
CA GLU B 104 -1.07 6.65 35.19
C GLU B 104 -1.00 5.39 36.03
N ASP B 105 -1.50 5.48 37.26
CA ASP B 105 -1.59 4.34 38.18
C ASP B 105 -2.50 3.22 37.64
N SER B 106 -3.45 3.57 36.80
CA SER B 106 -4.38 2.56 36.28
C SER B 106 -4.46 2.65 34.77
N GLY B 107 -4.99 1.60 34.17
CA GLY B 107 -5.39 1.62 32.79
C GLY B 107 -4.27 1.68 31.80
N ALA B 108 -4.68 1.90 30.54
CA ALA B 108 -3.79 1.88 29.38
C ALA B 108 -4.40 2.69 28.23
N ASP B 109 -3.61 3.04 27.23
CA ASP B 109 -4.12 3.88 26.13
C ASP B 109 -3.21 3.98 24.90
N ALA B 110 -1.96 3.51 24.98
CA ALA B 110 -1.11 3.49 23.79
C ALA B 110 -0.63 2.08 23.49
N PHE B 111 -0.58 1.73 22.21
CA PHE B 111 0.06 0.50 21.81
C PHE B 111 1.58 0.68 21.89
N ASP B 112 2.18 0.11 22.94
CA ASP B 112 3.55 0.46 23.30
C ASP B 112 4.55 -0.56 22.81
N PHE B 113 4.32 -1.84 23.11
CA PHE B 113 5.25 -2.88 22.66
C PHE B 113 4.58 -3.70 21.58
N TRP B 114 5.28 -3.83 20.46
CA TRP B 114 4.79 -4.51 19.25
C TRP B 114 5.50 -5.83 18.92
N GLY B 115 4.76 -6.74 18.32
CA GLY B 115 5.37 -7.89 17.67
C GLY B 115 6.09 -7.50 16.37
N GLN B 116 6.90 -8.41 15.85
CA GLN B 116 7.68 -8.13 14.65
C GLN B 116 6.84 -8.34 13.40
N GLY B 117 5.62 -8.82 13.58
CA GLY B 117 4.68 -8.97 12.46
C GLY B 117 4.69 -10.38 11.87
N THR B 118 3.58 -10.78 11.24
CA THR B 118 3.45 -12.06 10.56
C THR B 118 2.84 -11.79 9.22
N LEU B 119 3.55 -12.22 8.17
CA LEU B 119 3.04 -12.12 6.80
C LEU B 119 2.17 -13.33 6.49
N VAL B 120 1.04 -13.07 5.84
CA VAL B 120 0.06 -14.08 5.48
C VAL B 120 -0.29 -13.88 4.02
N THR B 121 -0.01 -14.90 3.22
CA THR B 121 -0.29 -14.89 1.80
C THR B 121 -1.31 -15.99 1.50
N VAL B 122 -2.42 -15.59 0.89
CA VAL B 122 -3.52 -16.47 0.53
C VAL B 122 -3.83 -16.29 -0.97
N SER B 123 -3.88 -17.38 -1.70
CA SER B 123 -4.22 -17.34 -3.11
C SER B 123 -5.19 -18.46 -3.48
N SER B 124 -5.99 -18.13 -4.48
CA SER B 124 -7.01 -18.99 -4.97
C SER B 124 -6.69 -19.38 -6.41
N ALA B 125 -5.63 -18.80 -6.98
CA ALA B 125 -5.33 -18.94 -8.40
C ALA B 125 -4.73 -20.28 -8.74
N SER B 126 -4.99 -20.76 -9.96
CA SER B 126 -4.31 -21.92 -10.54
C SER B 126 -3.36 -21.45 -11.62
N THR B 127 -2.34 -22.26 -11.90
CA THR B 127 -1.32 -21.89 -12.86
C THR B 127 -1.96 -21.70 -14.26
N LYS B 128 -1.60 -20.56 -14.86
CA LYS B 128 -2.17 -20.09 -16.09
C LYS B 128 -1.10 -19.29 -16.82
N GLY B 129 -0.96 -19.51 -18.12
CA GLY B 129 -0.03 -18.74 -18.92
C GLY B 129 -0.65 -17.44 -19.38
N PRO B 130 0.18 -16.46 -19.74
CA PRO B 130 -0.33 -15.14 -20.10
C PRO B 130 -0.93 -15.11 -21.51
N SER B 131 -1.84 -14.18 -21.77
CA SER B 131 -2.13 -13.72 -23.13
C SER B 131 -1.24 -12.50 -23.35
N VAL B 132 -0.56 -12.43 -24.49
CA VAL B 132 0.35 -11.31 -24.77
C VAL B 132 -0.25 -10.46 -25.87
N PHE B 133 -0.33 -9.16 -25.64
CA PHE B 133 -0.84 -8.21 -26.65
C PHE B 133 0.20 -7.14 -26.92
N PRO B 134 0.30 -6.71 -28.20
CA PRO B 134 1.24 -5.67 -28.61
C PRO B 134 0.76 -4.27 -28.23
N LEU B 135 1.69 -3.45 -27.72
CA LEU B 135 1.38 -2.06 -27.39
C LEU B 135 1.93 -1.18 -28.52
N ALA B 136 1.02 -0.82 -29.42
CA ALA B 136 1.38 -0.17 -30.65
C ALA B 136 1.94 1.24 -30.40
N PRO B 137 3.06 1.59 -31.07
CA PRO B 137 3.57 2.96 -30.91
C PRO B 137 2.60 3.99 -31.48
N SER B 138 2.43 5.11 -30.76
CA SER B 138 1.79 6.33 -31.27
C SER B 138 2.14 6.63 -32.74
N SER B 139 3.29 6.09 -33.17
CA SER B 139 3.64 5.82 -34.58
C SER B 139 4.61 6.86 -35.14
N LYS B 140 4.39 7.25 -36.40
CA LYS B 140 5.47 7.74 -37.25
C LYS B 140 6.45 8.91 -36.96
N SER B 141 7.68 8.75 -37.43
CA SER B 141 8.72 9.81 -37.45
C SER B 141 8.23 11.19 -36.97
N THR B 142 8.59 11.50 -35.72
CA THR B 142 8.21 12.73 -35.04
C THR B 142 9.50 13.37 -34.49
N SER B 143 9.54 14.71 -34.43
CA SER B 143 10.67 15.42 -33.78
C SER B 143 10.40 15.75 -32.29
N GLY B 144 9.52 14.97 -31.68
CA GLY B 144 9.67 14.54 -30.29
C GLY B 144 10.53 13.29 -30.24
N GLY B 145 11.24 13.03 -31.36
CA GLY B 145 12.36 12.09 -31.46
C GLY B 145 12.02 10.62 -31.41
N THR B 146 11.44 10.21 -30.30
CA THR B 146 11.38 8.81 -29.95
C THR B 146 9.93 8.34 -29.95
N ALA B 147 9.77 7.01 -29.95
CA ALA B 147 8.46 6.38 -29.80
C ALA B 147 8.56 5.31 -28.73
N ALA B 148 7.48 5.18 -27.96
CA ALA B 148 7.35 4.13 -26.95
C ALA B 148 6.41 3.00 -27.44
N LEU B 149 6.98 1.81 -27.57
CA LEU B 149 6.19 0.64 -27.96
C LEU B 149 6.41 -0.45 -26.92
N GLY B 150 5.53 -1.45 -26.89
CA GLY B 150 5.62 -2.47 -25.84
C GLY B 150 4.71 -3.70 -26.00
N CYS B 151 4.69 -4.49 -24.92
CA CYS B 151 3.87 -5.68 -24.82
C CYS B 151 3.19 -5.75 -23.47
N LEU B 152 1.88 -6.03 -23.51
CA LEU B 152 1.04 -6.32 -22.35
C LEU B 152 0.99 -7.84 -22.19
N VAL B 153 1.40 -8.28 -21.01
CA VAL B 153 1.44 -9.67 -20.65
C VAL B 153 0.33 -9.87 -19.59
N LYS B 154 -0.82 -10.40 -20.01
CA LYS B 154 -1.96 -10.41 -19.09
C LYS B 154 -2.45 -11.76 -18.61
N ASP B 155 -2.85 -11.74 -17.34
CA ASP B 155 -3.53 -12.80 -16.65
C ASP B 155 -2.72 -14.07 -16.54
N TYR B 156 -1.67 -14.05 -15.75
CA TYR B 156 -0.87 -15.25 -15.55
C TYR B 156 -0.67 -15.55 -14.05
N PHE B 157 -0.29 -16.80 -13.78
CA PHE B 157 -0.02 -17.26 -12.44
C PHE B 157 0.79 -18.55 -12.47
N PRO B 158 1.79 -18.69 -11.60
CA PRO B 158 2.35 -17.69 -10.70
C PRO B 158 3.42 -16.85 -11.39
N GLU B 159 4.08 -16.03 -10.60
CA GLU B 159 5.30 -15.36 -11.01
C GLU B 159 6.38 -16.43 -11.13
N PRO B 160 7.45 -16.12 -11.87
CA PRO B 160 7.68 -14.94 -12.68
C PRO B 160 7.45 -15.17 -14.15
N VAL B 161 7.46 -14.08 -14.89
CA VAL B 161 7.48 -14.07 -16.34
C VAL B 161 8.75 -13.33 -16.77
N THR B 162 9.52 -13.89 -17.71
CA THR B 162 10.60 -13.15 -18.36
C THR B 162 10.19 -12.53 -19.69
N VAL B 163 10.79 -11.39 -19.99
CA VAL B 163 10.56 -10.66 -21.20
C VAL B 163 11.89 -10.18 -21.82
N SER B 164 12.02 -10.53 -23.10
CA SER B 164 13.10 -10.11 -23.94
C SER B 164 12.55 -9.26 -25.09
N TRP B 165 13.44 -8.52 -25.75
CA TRP B 165 13.14 -7.92 -27.04
C TRP B 165 14.15 -8.33 -28.11
N ASN B 166 13.62 -8.76 -29.26
CA ASN B 166 14.43 -9.17 -30.39
C ASN B 166 15.41 -10.27 -29.99
N SER B 167 14.86 -11.25 -29.29
CA SER B 167 15.60 -12.41 -28.79
C SER B 167 16.82 -12.00 -27.99
N GLY B 168 16.71 -10.92 -27.24
CA GLY B 168 17.80 -10.41 -26.40
C GLY B 168 18.76 -9.45 -27.11
N ALA B 169 18.61 -9.28 -28.42
CA ALA B 169 19.42 -8.33 -29.20
C ALA B 169 19.18 -6.85 -28.82
N LEU B 170 18.00 -6.54 -28.31
CA LEU B 170 17.67 -5.16 -27.93
C LEU B 170 17.51 -4.97 -26.42
N THR B 171 18.49 -4.34 -25.80
CA THR B 171 18.39 -3.98 -24.38
C THR B 171 18.34 -2.45 -24.16
N SER B 172 18.90 -1.67 -25.08
CA SER B 172 18.82 -0.21 -24.95
C SER B 172 17.36 0.25 -24.83
N GLY B 173 17.05 0.98 -23.76
CA GLY B 173 15.76 1.67 -23.59
C GLY B 173 14.56 0.80 -23.24
N VAL B 174 14.84 -0.43 -22.82
CA VAL B 174 13.84 -1.34 -22.34
C VAL B 174 13.54 -1.09 -20.86
N HIS B 175 12.24 -1.08 -20.52
CA HIS B 175 11.78 -0.99 -19.12
C HIS B 175 10.64 -1.98 -18.98
N THR B 176 10.90 -3.10 -18.31
CA THR B 176 9.84 -4.09 -18.02
C THR B 176 9.36 -3.80 -16.61
N PHE B 177 8.05 -3.57 -16.45
CA PHE B 177 7.52 -3.07 -15.20
C PHE B 177 7.24 -4.23 -14.22
N PRO B 178 7.39 -3.99 -12.91
CA PRO B 178 6.86 -5.00 -11.99
C PRO B 178 5.37 -5.27 -12.25
N ALA B 179 4.95 -6.50 -12.02
CA ALA B 179 3.59 -6.90 -12.30
C ALA B 179 2.60 -6.36 -11.27
N VAL B 180 1.37 -6.23 -11.69
CA VAL B 180 0.29 -5.98 -10.79
C VAL B 180 -0.38 -7.32 -10.45
N LEU B 181 -0.69 -7.51 -9.17
CA LEU B 181 -1.48 -8.64 -8.69
C LEU B 181 -2.93 -8.23 -8.60
N GLN B 182 -3.77 -8.82 -9.43
CA GLN B 182 -5.18 -8.44 -9.52
C GLN B 182 -6.00 -9.13 -8.43
N SER B 183 -7.19 -8.60 -8.19
CA SER B 183 -8.14 -9.24 -7.29
C SER B 183 -8.50 -10.68 -7.72
N SER B 184 -8.35 -10.99 -9.00
CA SER B 184 -8.60 -12.34 -9.49
C SER B 184 -7.50 -13.31 -9.05
N GLY B 185 -6.43 -12.78 -8.45
CA GLY B 185 -5.31 -13.58 -8.01
C GLY B 185 -4.30 -13.82 -9.11
N LEU B 186 -4.61 -13.31 -10.30
CA LEU B 186 -3.69 -13.38 -11.46
C LEU B 186 -2.85 -12.11 -11.58
N TYR B 187 -1.75 -12.25 -12.27
CA TYR B 187 -0.82 -11.17 -12.47
C TYR B 187 -0.88 -10.64 -13.93
N SER B 188 -0.55 -9.36 -14.09
CA SER B 188 -0.23 -8.76 -15.39
C SER B 188 0.97 -7.82 -15.27
N LEU B 189 1.80 -7.78 -16.31
CA LEU B 189 2.84 -6.78 -16.40
C LEU B 189 2.94 -6.27 -17.82
N SER B 190 3.73 -5.21 -17.96
CA SER B 190 4.04 -4.62 -19.25
C SER B 190 5.54 -4.40 -19.38
N SER B 191 6.04 -4.60 -20.58
CA SER B 191 7.37 -4.18 -20.97
C SER B 191 7.24 -3.15 -22.08
N VAL B 192 8.01 -2.06 -21.99
CA VAL B 192 8.02 -1.04 -23.03
C VAL B 192 9.45 -0.71 -23.40
N VAL B 193 9.67 -0.41 -24.68
CA VAL B 193 10.96 0.01 -25.20
C VAL B 193 10.81 1.36 -25.92
N THR B 194 11.80 2.24 -25.74
CA THR B 194 11.80 3.54 -26.36
C THR B 194 12.84 3.50 -27.47
N VAL B 195 12.42 3.87 -28.68
CA VAL B 195 13.22 3.74 -29.87
C VAL B 195 13.16 5.04 -30.70
N PRO B 196 14.08 5.21 -31.64
CA PRO B 196 13.88 6.34 -32.55
C PRO B 196 12.65 6.13 -33.43
N SER B 197 11.85 7.18 -33.59
CA SER B 197 10.71 7.12 -34.48
C SER B 197 11.12 6.77 -35.93
N SER B 198 12.30 7.26 -36.33
CA SER B 198 12.85 6.96 -37.66
C SER B 198 13.09 5.47 -37.90
N SER B 199 13.06 4.66 -36.85
CA SER B 199 13.27 3.21 -36.99
C SER B 199 11.98 2.41 -37.21
N LEU B 200 10.83 3.06 -37.06
CA LEU B 200 9.54 2.36 -37.08
C LEU B 200 9.26 1.64 -38.39
N GLY B 201 9.61 2.25 -39.52
CA GLY B 201 9.42 1.59 -40.80
C GLY B 201 10.46 0.52 -41.13
N THR B 202 11.65 0.66 -40.58
CA THR B 202 12.77 -0.19 -40.98
C THR B 202 13.02 -1.36 -40.02
N GLN B 203 12.85 -1.12 -38.73
CA GLN B 203 13.23 -2.09 -37.71
C GLN B 203 11.99 -2.84 -37.16
N THR B 204 12.15 -4.16 -36.99
CA THR B 204 11.11 -5.00 -36.44
C THR B 204 11.39 -5.15 -34.93
N TYR B 205 10.36 -4.91 -34.13
CA TYR B 205 10.41 -5.08 -32.69
C TYR B 205 9.47 -6.20 -32.29
N ILE B 206 10.04 -7.19 -31.58
CA ILE B 206 9.34 -8.40 -31.16
C ILE B 206 9.70 -8.61 -29.70
N CYS B 207 8.68 -8.76 -28.84
CA CYS B 207 8.92 -9.08 -27.43
C CYS B 207 8.76 -10.58 -27.28
N ASN B 208 9.66 -11.17 -26.49
CA ASN B 208 9.72 -12.60 -26.31
C ASN B 208 9.40 -12.85 -24.84
N VAL B 209 8.24 -13.46 -24.60
CA VAL B 209 7.75 -13.67 -23.26
C VAL B 209 7.84 -15.15 -22.93
N ASN B 210 8.37 -15.45 -21.74
CA ASN B 210 8.43 -16.83 -21.26
C ASN B 210 7.85 -16.95 -19.87
N HIS B 211 6.82 -17.78 -19.75
CA HIS B 211 6.24 -18.19 -18.50
C HIS B 211 6.47 -19.69 -18.36
N LYS B 212 7.54 -20.04 -17.64
CA LYS B 212 7.93 -21.45 -17.45
C LYS B 212 6.93 -22.28 -16.62
N PRO B 213 6.37 -21.73 -15.53
CA PRO B 213 5.36 -22.49 -14.78
C PRO B 213 4.29 -23.13 -15.67
N SER B 214 3.89 -22.43 -16.75
CA SER B 214 2.90 -22.92 -17.69
C SER B 214 3.45 -23.48 -19.02
N ASN B 215 4.78 -23.52 -19.17
CA ASN B 215 5.43 -23.78 -20.47
C ASN B 215 4.85 -22.91 -21.63
N THR B 216 4.65 -21.62 -21.36
CA THR B 216 4.15 -20.66 -22.34
C THR B 216 5.32 -19.80 -22.82
N LYS B 217 5.56 -19.84 -24.12
CA LYS B 217 6.58 -19.02 -24.79
C LYS B 217 5.88 -18.32 -25.94
N VAL B 218 5.86 -17.00 -25.93
CA VAL B 218 5.19 -16.24 -26.97
C VAL B 218 6.15 -15.16 -27.50
N ASP B 219 6.31 -15.11 -28.82
CA ASP B 219 6.96 -14.00 -29.50
C ASP B 219 5.90 -13.19 -30.22
N LYS B 220 5.81 -11.91 -29.85
CA LYS B 220 4.81 -10.99 -30.41
C LYS B 220 5.51 -9.80 -31.08
N LYS B 221 5.25 -9.71 -32.38
CA LYS B 221 5.67 -8.60 -33.17
C LYS B 221 4.79 -7.41 -32.83
N VAL B 222 5.41 -6.26 -32.57
CA VAL B 222 4.69 -5.04 -32.28
C VAL B 222 4.91 -4.08 -33.47
N GLU B 223 3.99 -4.14 -34.43
CA GLU B 223 4.01 -3.22 -35.58
C GLU B 223 3.38 -1.86 -35.19
N PRO B 224 3.69 -0.80 -35.96
CA PRO B 224 2.97 0.46 -35.79
C PRO B 224 1.50 0.37 -36.17
N LYS B 225 0.70 1.24 -35.56
CA LYS B 225 -0.76 1.37 -35.82
C LYS B 225 -1.09 1.73 -37.28
N SER B 226 -2.30 1.38 -37.71
CA SER B 226 -2.86 1.90 -38.98
C SER B 226 -4.40 1.80 -39.05
N LYS C 1 -6.17 -2.84 37.62
CA LYS C 1 -5.38 -3.47 36.53
C LYS C 1 -5.36 -2.46 35.42
N ARG C 2 -4.93 -2.95 34.27
CA ARG C 2 -4.72 -2.14 33.13
C ARG C 2 -5.80 -2.44 32.09
N LYS C 3 -6.98 -2.88 32.53
CA LYS C 3 -8.10 -3.11 31.60
C LYS C 3 -8.75 -1.79 31.20
N ARG C 4 -8.77 -0.85 32.12
CA ARG C 4 -9.30 0.49 31.89
C ARG C 4 -8.62 1.21 30.70
N ILE C 5 -9.44 1.71 29.78
CA ILE C 5 -8.91 2.41 28.65
C ILE C 5 -9.16 3.90 28.80
N HIS C 6 -8.08 4.67 28.84
CA HIS C 6 -8.16 6.13 28.93
C HIS C 6 -8.20 6.73 27.53
N ILE C 7 -9.36 7.16 27.04
CA ILE C 7 -9.41 7.63 25.66
C ILE C 7 -8.94 9.05 25.58
N GLY C 8 -9.32 10.08 26.78
CA GLY C 8 -8.87 11.46 26.77
C GLY C 8 -8.84 11.91 28.19
N PRO C 9 -8.55 13.21 28.39
CA PRO C 9 -8.46 13.71 29.73
C PRO C 9 -9.81 13.48 30.44
N GLY C 10 -9.75 12.78 31.57
CA GLY C 10 -10.91 12.55 32.39
C GLY C 10 -11.90 11.51 31.90
N ARG C 11 -11.64 10.89 30.76
CA ARG C 11 -12.59 9.97 30.17
C ARG C 11 -11.95 8.60 29.96
N ALA C 12 -12.68 7.59 30.43
CA ALA C 12 -12.22 6.20 30.41
C ALA C 12 -13.39 5.22 30.24
N PHE C 13 -13.10 4.09 29.60
CA PHE C 13 -14.00 2.94 29.52
C PHE C 13 -13.36 1.76 30.24
N TYR C 14 -14.18 0.75 30.48
CA TYR C 14 -13.84 -0.43 31.23
C TYR C 14 -13.36 -0.04 32.59
N THR C 15 -13.99 0.99 33.16
CA THR C 15 -13.54 1.55 34.44
C THR C 15 -14.01 0.73 35.64
N THR C 16 -14.98 -0.15 35.42
CA THR C 16 -15.50 -1.04 36.47
C THR C 16 -14.38 -1.61 37.33
#